data_1C53
# 
_entry.id   1C53 
# 
_audit_conform.dict_name       mmcif_pdbx.dic 
_audit_conform.dict_version    5.385 
_audit_conform.dict_location   http://mmcif.pdb.org/dictionaries/ascii/mmcif_pdbx.dic 
# 
loop_
_database_2.database_id 
_database_2.database_code 
_database_2.pdbx_database_accession 
_database_2.pdbx_DOI 
PDB   1C53         pdb_00001c53 10.2210/pdb1c53/pdb 
WWPDB D_1000172171 ?            ?                   
# 
loop_
_pdbx_audit_revision_history.ordinal 
_pdbx_audit_revision_history.data_content_type 
_pdbx_audit_revision_history.major_revision 
_pdbx_audit_revision_history.minor_revision 
_pdbx_audit_revision_history.revision_date 
1 'Structure model' 1 0 1993-10-31 
2 'Structure model' 1 1 2008-03-24 
3 'Structure model' 1 2 2011-07-13 
4 'Structure model' 1 3 2024-02-07 
# 
_pdbx_audit_revision_details.ordinal             1 
_pdbx_audit_revision_details.revision_ordinal    1 
_pdbx_audit_revision_details.data_content_type   'Structure model' 
_pdbx_audit_revision_details.provider            repository 
_pdbx_audit_revision_details.type                'Initial release' 
_pdbx_audit_revision_details.description         ? 
_pdbx_audit_revision_details.details             ? 
# 
loop_
_pdbx_audit_revision_group.ordinal 
_pdbx_audit_revision_group.revision_ordinal 
_pdbx_audit_revision_group.data_content_type 
_pdbx_audit_revision_group.group 
1 2 'Structure model' 'Version format compliance' 
2 3 'Structure model' 'Version format compliance' 
3 4 'Structure model' 'Data collection'           
4 4 'Structure model' 'Database references'       
5 4 'Structure model' 'Derived calculations'      
6 4 'Structure model' Other                       
# 
loop_
_pdbx_audit_revision_category.ordinal 
_pdbx_audit_revision_category.revision_ordinal 
_pdbx_audit_revision_category.data_content_type 
_pdbx_audit_revision_category.category 
1 4 'Structure model' chem_comp_atom       
2 4 'Structure model' chem_comp_bond       
3 4 'Structure model' database_2           
4 4 'Structure model' pdbx_database_status 
5 4 'Structure model' struct_site          
# 
loop_
_pdbx_audit_revision_item.ordinal 
_pdbx_audit_revision_item.revision_ordinal 
_pdbx_audit_revision_item.data_content_type 
_pdbx_audit_revision_item.item 
1 4 'Structure model' '_database_2.pdbx_DOI'                
2 4 'Structure model' '_database_2.pdbx_database_accession' 
3 4 'Structure model' '_pdbx_database_status.process_site'  
4 4 'Structure model' '_struct_site.pdbx_auth_asym_id'      
5 4 'Structure model' '_struct_site.pdbx_auth_comp_id'      
6 4 'Structure model' '_struct_site.pdbx_auth_seq_id'       
# 
_pdbx_database_status.status_code                     REL 
_pdbx_database_status.entry_id                        1C53 
_pdbx_database_status.recvd_initial_deposition_date   1991-08-26 
_pdbx_database_status.deposit_site                    ? 
_pdbx_database_status.process_site                    BNL 
_pdbx_database_status.SG_entry                        . 
_pdbx_database_status.pdb_format_compatible           Y 
_pdbx_database_status.status_code_mr                  ? 
_pdbx_database_status.status_code_sf                  ? 
_pdbx_database_status.status_code_cs                  ? 
_pdbx_database_status.status_code_nmr_data            ? 
_pdbx_database_status.methods_development_category    ? 
# 
loop_
_audit_author.name 
_audit_author.pdbx_ordinal 
'Nakagawa, A.' 1 
'Higuchi, Y.'  2 
'Yasuoka, N.'  3 
'Katsube, Y.'  4 
'Yaga, T.'     5 
# 
loop_
_citation.id 
_citation.title 
_citation.journal_abbrev 
_citation.journal_volume 
_citation.page_first 
_citation.page_last 
_citation.year 
_citation.journal_id_ASTM 
_citation.country 
_citation.journal_id_ISSN 
_citation.journal_id_CSD 
_citation.book_publisher 
_citation.pdbx_database_id_PubMed 
_citation.pdbx_database_id_DOI 
primary 
;S-class cytochromes c have a variety of folding patterns: structure of cytochrome c-553 from Desulfovibrio vulgaris determined by the multi-wavelength anomalous dispersion method.
;
'J.Biochem.(Tokyo)'        108 701 703 1990 JOBIAO JA 0021-924X 0418 ? 1964450 ? 
1       
;Structure Determination of Cytochrome C-553 from Desulfovibrio Vulgaris Miyazaki F Determined by the Multi-Wavelength Anomalous Dispersion Method
;
'Acta Crystallogr.,Sect.A' 46  16  ?   1990 ACACEQ DK 0108-7673 0621 ? ?       ? 
2       'Crystallographic Study of Cytochrome C553 from Desulfovibrio Vulgaris Miyazaki' 'J.Biochem.(Tokyo)'        99  605 ?   
1986 JOBIAO JA 0021-924X 0418 ? ?       ? 
# 
loop_
_citation_author.citation_id 
_citation_author.name 
_citation_author.ordinal 
_citation_author.identifier_ORCID 
primary 'Nakagawa, A.'  1  ? 
primary 'Higuchi, Y.'   2  ? 
primary 'Yasuoka, N.'   3  ? 
primary 'Katsube, Y.'   4  ? 
primary 'Yagi, T.'      5  ? 
1       'Nakagawa, A.'  6  ? 
1       'Higuchi, Y.'   7  ? 
1       'Yasuoka, N.'   8  ? 
1       'Katsube, Y.'   9  ? 
1       'Yagi, T.'      10 ? 
2       'Nakagawa, A.'  11 ? 
2       'Nagashima, E.' 12 ? 
2       'Higuchi, Y.'   13 ? 
2       'Kusunoki, M.'  14 ? 
2       'Matsuura, Y.'  15 ? 
2       'Yasuoka, N.'   16 ? 
2       'Katsube, Y.'   17 ? 
2       'Chihara, H.'   18 ? 
2       'Yagi, T.'      19 ? 
# 
loop_
_entity.id 
_entity.type 
_entity.src_method 
_entity.pdbx_description 
_entity.formula_weight 
_entity.pdbx_number_of_molecules 
_entity.pdbx_ec 
_entity.pdbx_mutation 
_entity.pdbx_fragment 
_entity.details 
1 polymer     man 'CYTOCHROME C553'                 8411.668 1 ? ? ? ? 
2 non-polymer syn 'PROTOPORPHYRIN IX CONTAINING FE' 616.487  1 ? ? ? ? 
# 
_entity_poly.entity_id                      1 
_entity_poly.type                           'polypeptide(L)' 
_entity_poly.nstd_linkage                   no 
_entity_poly.nstd_monomer                   no 
_entity_poly.pdbx_seq_one_letter_code       ADGAALYKSCVGCHGADGSKQAMGVGHAVKGQKADELFKKLKGYADGSYGGEKKAVMTNLVKRYSDEEMKAMADYMSKL 
_entity_poly.pdbx_seq_one_letter_code_can   ADGAALYKSCVGCHGADGSKQAMGVGHAVKGQKADELFKKLKGYADGSYGGEKKAVMTNLVKRYSDEEMKAMADYMSKL 
_entity_poly.pdbx_strand_id                 A 
_entity_poly.pdbx_target_identifier         ? 
# 
_pdbx_entity_nonpoly.entity_id   2 
_pdbx_entity_nonpoly.name        'PROTOPORPHYRIN IX CONTAINING FE' 
_pdbx_entity_nonpoly.comp_id     HEM 
# 
loop_
_entity_poly_seq.entity_id 
_entity_poly_seq.num 
_entity_poly_seq.mon_id 
_entity_poly_seq.hetero 
1 1  ALA n 
1 2  ASP n 
1 3  GLY n 
1 4  ALA n 
1 5  ALA n 
1 6  LEU n 
1 7  TYR n 
1 8  LYS n 
1 9  SER n 
1 10 CYS n 
1 11 VAL n 
1 12 GLY n 
1 13 CYS n 
1 14 HIS n 
1 15 GLY n 
1 16 ALA n 
1 17 ASP n 
1 18 GLY n 
1 19 SER n 
1 20 LYS n 
1 21 GLN n 
1 22 ALA n 
1 23 MET n 
1 24 GLY n 
1 25 VAL n 
1 26 GLY n 
1 27 HIS n 
1 28 ALA n 
1 29 VAL n 
1 30 LYS n 
1 31 GLY n 
1 32 GLN n 
1 33 LYS n 
1 34 ALA n 
1 35 ASP n 
1 36 GLU n 
1 37 LEU n 
1 38 PHE n 
1 39 LYS n 
1 40 LYS n 
1 41 LEU n 
1 42 LYS n 
1 43 GLY n 
1 44 TYR n 
1 45 ALA n 
1 46 ASP n 
1 47 GLY n 
1 48 SER n 
1 49 TYR n 
1 50 GLY n 
1 51 GLY n 
1 52 GLU n 
1 53 LYS n 
1 54 LYS n 
1 55 ALA n 
1 56 VAL n 
1 57 MET n 
1 58 THR n 
1 59 ASN n 
1 60 LEU n 
1 61 VAL n 
1 62 LYS n 
1 63 ARG n 
1 64 TYR n 
1 65 SER n 
1 66 ASP n 
1 67 GLU n 
1 68 GLU n 
1 69 MET n 
1 70 LYS n 
1 71 ALA n 
1 72 MET n 
1 73 ALA n 
1 74 ASP n 
1 75 TYR n 
1 76 MET n 
1 77 SER n 
1 78 LYS n 
1 79 LEU n 
# 
_entity_src_gen.entity_id                          1 
_entity_src_gen.pdbx_src_id                        1 
_entity_src_gen.pdbx_alt_source_flag               sample 
_entity_src_gen.pdbx_seq_type                      ? 
_entity_src_gen.pdbx_beg_seq_num                   ? 
_entity_src_gen.pdbx_end_seq_num                   ? 
_entity_src_gen.gene_src_common_name               ? 
_entity_src_gen.gene_src_genus                     Desulfovibrio 
_entity_src_gen.pdbx_gene_src_gene                 ? 
_entity_src_gen.gene_src_species                   'Desulfovibrio vulgaris' 
_entity_src_gen.gene_src_strain                    Miyazaki 
_entity_src_gen.gene_src_tissue                    ? 
_entity_src_gen.gene_src_tissue_fraction           ? 
_entity_src_gen.gene_src_details                   ? 
_entity_src_gen.pdbx_gene_src_fragment             ? 
_entity_src_gen.pdbx_gene_src_scientific_name      
;Desulfovibrio vulgaris str. 'Miyazaki F'
;
_entity_src_gen.pdbx_gene_src_ncbi_taxonomy_id     883 
_entity_src_gen.pdbx_gene_src_variant              ? 
_entity_src_gen.pdbx_gene_src_cell_line            ? 
_entity_src_gen.pdbx_gene_src_atcc                 ? 
_entity_src_gen.pdbx_gene_src_organ                ? 
_entity_src_gen.pdbx_gene_src_organelle            ? 
_entity_src_gen.pdbx_gene_src_cell                 ? 
_entity_src_gen.pdbx_gene_src_cellular_location    ? 
_entity_src_gen.host_org_common_name               ? 
_entity_src_gen.pdbx_host_org_scientific_name      ? 
_entity_src_gen.pdbx_host_org_ncbi_taxonomy_id     ? 
_entity_src_gen.host_org_genus                     ? 
_entity_src_gen.pdbx_host_org_gene                 ? 
_entity_src_gen.pdbx_host_org_organ                ? 
_entity_src_gen.host_org_species                   ? 
_entity_src_gen.pdbx_host_org_tissue               ? 
_entity_src_gen.pdbx_host_org_tissue_fraction      ? 
_entity_src_gen.pdbx_host_org_strain               ? 
_entity_src_gen.pdbx_host_org_variant              ? 
_entity_src_gen.pdbx_host_org_cell_line            ? 
_entity_src_gen.pdbx_host_org_atcc                 ? 
_entity_src_gen.pdbx_host_org_culture_collection   ? 
_entity_src_gen.pdbx_host_org_cell                 ? 
_entity_src_gen.pdbx_host_org_organelle            ? 
_entity_src_gen.pdbx_host_org_cellular_location    ? 
_entity_src_gen.pdbx_host_org_vector_type          ? 
_entity_src_gen.pdbx_host_org_vector               ? 
_entity_src_gen.host_org_details                   ? 
_entity_src_gen.expression_system_id               ? 
_entity_src_gen.plasmid_name                       ? 
_entity_src_gen.plasmid_details                    ? 
_entity_src_gen.pdbx_description                   ? 
# 
loop_
_chem_comp.id 
_chem_comp.type 
_chem_comp.mon_nstd_flag 
_chem_comp.name 
_chem_comp.pdbx_synonyms 
_chem_comp.formula 
_chem_comp.formula_weight 
ALA 'L-peptide linking' y ALANINE                           ?    'C3 H7 N O2'       89.093  
ARG 'L-peptide linking' y ARGININE                          ?    'C6 H15 N4 O2 1'   175.209 
ASN 'L-peptide linking' y ASPARAGINE                        ?    'C4 H8 N2 O3'      132.118 
ASP 'L-peptide linking' y 'ASPARTIC ACID'                   ?    'C4 H7 N O4'       133.103 
CYS 'L-peptide linking' y CYSTEINE                          ?    'C3 H7 N O2 S'     121.158 
GLN 'L-peptide linking' y GLUTAMINE                         ?    'C5 H10 N2 O3'     146.144 
GLU 'L-peptide linking' y 'GLUTAMIC ACID'                   ?    'C5 H9 N O4'       147.129 
GLY 'peptide linking'   y GLYCINE                           ?    'C2 H5 N O2'       75.067  
HEM non-polymer         . 'PROTOPORPHYRIN IX CONTAINING FE' HEME 'C34 H32 Fe N4 O4' 616.487 
HIS 'L-peptide linking' y HISTIDINE                         ?    'C6 H10 N3 O2 1'   156.162 
LEU 'L-peptide linking' y LEUCINE                           ?    'C6 H13 N O2'      131.173 
LYS 'L-peptide linking' y LYSINE                            ?    'C6 H15 N2 O2 1'   147.195 
MET 'L-peptide linking' y METHIONINE                        ?    'C5 H11 N O2 S'    149.211 
PHE 'L-peptide linking' y PHENYLALANINE                     ?    'C9 H11 N O2'      165.189 
SER 'L-peptide linking' y SERINE                            ?    'C3 H7 N O3'       105.093 
THR 'L-peptide linking' y THREONINE                         ?    'C4 H9 N O3'       119.119 
TYR 'L-peptide linking' y TYROSINE                          ?    'C9 H11 N O3'      181.189 
VAL 'L-peptide linking' y VALINE                            ?    'C5 H11 N O2'      117.146 
# 
loop_
_pdbx_poly_seq_scheme.asym_id 
_pdbx_poly_seq_scheme.entity_id 
_pdbx_poly_seq_scheme.seq_id 
_pdbx_poly_seq_scheme.mon_id 
_pdbx_poly_seq_scheme.ndb_seq_num 
_pdbx_poly_seq_scheme.pdb_seq_num 
_pdbx_poly_seq_scheme.auth_seq_num 
_pdbx_poly_seq_scheme.pdb_mon_id 
_pdbx_poly_seq_scheme.auth_mon_id 
_pdbx_poly_seq_scheme.pdb_strand_id 
_pdbx_poly_seq_scheme.pdb_ins_code 
_pdbx_poly_seq_scheme.hetero 
A 1 1  ALA 1  1  1  ALA ALA A . n 
A 1 2  ASP 2  2  2  ASP ASP A . n 
A 1 3  GLY 3  3  3  GLY GLY A . n 
A 1 4  ALA 4  4  4  ALA ALA A . n 
A 1 5  ALA 5  5  5  ALA ALA A . n 
A 1 6  LEU 6  6  6  LEU LEU A . n 
A 1 7  TYR 7  7  7  TYR TYR A . n 
A 1 8  LYS 8  8  8  LYS LYS A . n 
A 1 9  SER 9  9  9  SER SER A . n 
A 1 10 CYS 10 10 10 CYS CYS A . n 
A 1 11 VAL 11 11 11 VAL VAL A . n 
A 1 12 GLY 12 12 12 GLY GLY A . n 
A 1 13 CYS 13 13 13 CYS CYS A . n 
A 1 14 HIS 14 14 14 HIS HIS A . n 
A 1 15 GLY 15 15 15 GLY GLY A . n 
A 1 16 ALA 16 16 16 ALA ALA A . n 
A 1 17 ASP 17 17 17 ASP ASP A . n 
A 1 18 GLY 18 18 18 GLY GLY A . n 
A 1 19 SER 19 19 19 SER SER A . n 
A 1 20 LYS 20 20 20 LYS LYS A . n 
A 1 21 GLN 21 21 21 GLN GLN A . n 
A 1 22 ALA 22 22 22 ALA ALA A . n 
A 1 23 MET 23 23 23 MET MET A . n 
A 1 24 GLY 24 24 24 GLY GLY A . n 
A 1 25 VAL 25 25 25 VAL VAL A . n 
A 1 26 GLY 26 26 26 GLY GLY A . n 
A 1 27 HIS 27 27 27 HIS HIS A . n 
A 1 28 ALA 28 28 28 ALA ALA A . n 
A 1 29 VAL 29 29 29 VAL VAL A . n 
A 1 30 LYS 30 30 30 LYS LYS A . n 
A 1 31 GLY 31 31 31 GLY GLY A . n 
A 1 32 GLN 32 32 32 GLN GLN A . n 
A 1 33 LYS 33 33 33 LYS LYS A . n 
A 1 34 ALA 34 34 34 ALA ALA A . n 
A 1 35 ASP 35 35 35 ASP ASP A . n 
A 1 36 GLU 36 36 36 GLU GLU A . n 
A 1 37 LEU 37 37 37 LEU LEU A . n 
A 1 38 PHE 38 38 38 PHE PHE A . n 
A 1 39 LYS 39 39 39 LYS LYS A . n 
A 1 40 LYS 40 40 40 LYS LYS A . n 
A 1 41 LEU 41 41 41 LEU LEU A . n 
A 1 42 LYS 42 42 42 LYS LYS A . n 
A 1 43 GLY 43 43 43 GLY GLY A . n 
A 1 44 TYR 44 44 44 TYR TYR A . n 
A 1 45 ALA 45 45 45 ALA ALA A . n 
A 1 46 ASP 46 46 46 ASP ASP A . n 
A 1 47 GLY 47 47 47 GLY GLY A . n 
A 1 48 SER 48 48 48 SER SER A . n 
A 1 49 TYR 49 49 49 TYR TYR A . n 
A 1 50 GLY 50 50 50 GLY GLY A . n 
A 1 51 GLY 51 51 51 GLY GLY A . n 
A 1 52 GLU 52 52 52 GLU GLU A . n 
A 1 53 LYS 53 53 53 LYS LYS A . n 
A 1 54 LYS 54 54 54 LYS LYS A . n 
A 1 55 ALA 55 55 55 ALA ALA A . n 
A 1 56 VAL 56 56 56 VAL VAL A . n 
A 1 57 MET 57 57 57 MET MET A . n 
A 1 58 THR 58 58 58 THR THR A . n 
A 1 59 ASN 59 59 59 ASN ASN A . n 
A 1 60 LEU 60 60 60 LEU LEU A . n 
A 1 61 VAL 61 61 61 VAL VAL A . n 
A 1 62 LYS 62 62 62 LYS LYS A . n 
A 1 63 ARG 63 63 63 ARG ARG A . n 
A 1 64 TYR 64 64 64 TYR TYR A . n 
A 1 65 SER 65 65 65 SER SER A . n 
A 1 66 ASP 66 66 66 ASP ASP A . n 
A 1 67 GLU 67 67 67 GLU GLU A . n 
A 1 68 GLU 68 68 68 GLU GLU A . n 
A 1 69 MET 69 69 69 MET MET A . n 
A 1 70 LYS 70 70 70 LYS LYS A . n 
A 1 71 ALA 71 71 71 ALA ALA A . n 
A 1 72 MET 72 72 72 MET MET A . n 
A 1 73 ALA 73 73 73 ALA ALA A . n 
A 1 74 ASP 74 74 74 ASP ASP A . n 
A 1 75 TYR 75 75 75 TYR TYR A . n 
A 1 76 MET 76 76 76 MET MET A . n 
A 1 77 SER 77 77 77 SER SER A . n 
A 1 78 LYS 78 78 78 LYS LYS A . n 
A 1 79 LEU 79 79 79 LEU LEU A . n 
# 
_pdbx_nonpoly_scheme.asym_id         B 
_pdbx_nonpoly_scheme.entity_id       2 
_pdbx_nonpoly_scheme.mon_id          HEM 
_pdbx_nonpoly_scheme.ndb_seq_num     1 
_pdbx_nonpoly_scheme.pdb_seq_num     80 
_pdbx_nonpoly_scheme.auth_seq_num    80 
_pdbx_nonpoly_scheme.pdb_mon_id      HEM 
_pdbx_nonpoly_scheme.auth_mon_id     HEM 
_pdbx_nonpoly_scheme.pdb_strand_id   A 
_pdbx_nonpoly_scheme.pdb_ins_code    . 
# 
_software.name             PROLSQ 
_software.classification   refinement 
_software.version          . 
_software.citation_id      ? 
_software.pdbx_ordinal     1 
# 
_cell.entry_id           1C53 
_cell.length_a           42.700 
_cell.length_b           42.700 
_cell.length_c           103.400 
_cell.angle_alpha        90.00 
_cell.angle_beta         90.00 
_cell.angle_gamma        90.00 
_cell.Z_PDB              8 
_cell.pdbx_unique_axis   ? 
# 
_symmetry.entry_id                         1C53 
_symmetry.space_group_name_H-M             'P 43 21 2' 
_symmetry.pdbx_full_space_group_name_H-M   ? 
_symmetry.cell_setting                     ? 
_symmetry.Int_Tables_number                96 
# 
_exptl.entry_id          1C53 
_exptl.method            'X-RAY DIFFRACTION' 
_exptl.crystals_number   ? 
# 
_exptl_crystal.id                    1 
_exptl_crystal.density_meas          ? 
_exptl_crystal.density_Matthews      2.80 
_exptl_crystal.density_percent_sol   56.10 
_exptl_crystal.description           ? 
# 
_diffrn.id                     1 
_diffrn.crystal_id             1 
_diffrn.ambient_temp           ? 
_diffrn.ambient_temp_details   ? 
# 
_refine.entry_id                                 1C53 
_refine.ls_number_reflns_obs                     8855 
_refine.ls_number_reflns_all                     ? 
_refine.pdbx_ls_sigma_I                          ? 
_refine.pdbx_ls_sigma_F                          1.0 
_refine.pdbx_data_cutoff_high_absF               ? 
_refine.pdbx_data_cutoff_low_absF                ? 
_refine.pdbx_data_cutoff_high_rms_absF           ? 
_refine.ls_d_res_low                             10.0 
_refine.ls_d_res_high                            1.8 
_refine.ls_percent_reflns_obs                    ? 
_refine.ls_R_factor_obs                          0.1940000 
_refine.ls_R_factor_all                          ? 
_refine.ls_R_factor_R_work                       ? 
_refine.ls_R_factor_R_free                       ? 
_refine.ls_R_factor_R_free_error                 ? 
_refine.ls_R_factor_R_free_error_details         ? 
_refine.ls_percent_reflns_R_free                 ? 
_refine.ls_number_reflns_R_free                  ? 
_refine.ls_number_parameters                     ? 
_refine.ls_number_restraints                     ? 
_refine.occupancy_min                            ? 
_refine.occupancy_max                            ? 
_refine.B_iso_mean                               ? 
_refine.aniso_B[1][1]                            ? 
_refine.aniso_B[2][2]                            ? 
_refine.aniso_B[3][3]                            ? 
_refine.aniso_B[1][2]                            ? 
_refine.aniso_B[1][3]                            ? 
_refine.aniso_B[2][3]                            ? 
_refine.solvent_model_details                    ? 
_refine.solvent_model_param_ksol                 ? 
_refine.solvent_model_param_bsol                 ? 
_refine.pdbx_ls_cross_valid_method               ? 
_refine.details                                  ? 
_refine.pdbx_starting_model                      ? 
_refine.pdbx_method_to_determine_struct          ? 
_refine.pdbx_isotropic_thermal_model             ? 
_refine.pdbx_stereochemistry_target_values       ? 
_refine.pdbx_stereochem_target_val_spec_case     ? 
_refine.pdbx_R_Free_selection_details            ? 
_refine.pdbx_overall_ESU_R                       ? 
_refine.pdbx_overall_ESU_R_Free                  ? 
_refine.overall_SU_ML                            ? 
_refine.overall_SU_B                             ? 
_refine.pdbx_refine_id                           'X-RAY DIFFRACTION' 
_refine.pdbx_diffrn_id                           1 
_refine.pdbx_TLS_residual_ADP_flag               ? 
_refine.correlation_coeff_Fo_to_Fc               ? 
_refine.correlation_coeff_Fo_to_Fc_free          ? 
_refine.pdbx_solvent_vdw_probe_radii             ? 
_refine.pdbx_solvent_ion_probe_radii             ? 
_refine.pdbx_solvent_shrinkage_radii             ? 
_refine.pdbx_overall_phase_error                 ? 
_refine.overall_SU_R_Cruickshank_DPI             ? 
_refine.pdbx_overall_SU_R_free_Cruickshank_DPI   ? 
_refine.pdbx_overall_SU_R_Blow_DPI               ? 
_refine.pdbx_overall_SU_R_free_Blow_DPI          ? 
# 
_refine_hist.pdbx_refine_id                   'X-RAY DIFFRACTION' 
_refine_hist.cycle_id                         LAST 
_refine_hist.pdbx_number_atoms_protein        79 
_refine_hist.pdbx_number_atoms_nucleic_acid   0 
_refine_hist.pdbx_number_atoms_ligand         43 
_refine_hist.number_atoms_solvent             0 
_refine_hist.number_atoms_total               122 
_refine_hist.d_res_high                       1.8 
_refine_hist.d_res_low                        10.0 
# 
loop_
_refine_ls_restr.type 
_refine_ls_restr.dev_ideal 
_refine_ls_restr.dev_ideal_target 
_refine_ls_restr.weight 
_refine_ls_restr.number 
_refine_ls_restr.pdbx_refine_id 
_refine_ls_restr.pdbx_restraint_function 
p_bond_d            0.19 ? ? ? 'X-RAY DIFFRACTION' ? 
p_angle_d           ?    ? ? ? 'X-RAY DIFFRACTION' ? 
p_angle_deg         ?    ? ? ? 'X-RAY DIFFRACTION' ? 
p_planar_d          ?    ? ? ? 'X-RAY DIFFRACTION' ? 
p_hb_or_metal_coord ?    ? ? ? 'X-RAY DIFFRACTION' ? 
p_mcbond_it         ?    ? ? ? 'X-RAY DIFFRACTION' ? 
p_mcangle_it        ?    ? ? ? 'X-RAY DIFFRACTION' ? 
p_scbond_it         ?    ? ? ? 'X-RAY DIFFRACTION' ? 
p_scangle_it        ?    ? ? ? 'X-RAY DIFFRACTION' ? 
p_plane_restr       ?    ? ? ? 'X-RAY DIFFRACTION' ? 
p_chiral_restr      ?    ? ? ? 'X-RAY DIFFRACTION' ? 
p_singtor_nbd       ?    ? ? ? 'X-RAY DIFFRACTION' ? 
p_multtor_nbd       ?    ? ? ? 'X-RAY DIFFRACTION' ? 
p_xhyhbond_nbd      ?    ? ? ? 'X-RAY DIFFRACTION' ? 
p_xyhbond_nbd       ?    ? ? ? 'X-RAY DIFFRACTION' ? 
p_planar_tor        ?    ? ? ? 'X-RAY DIFFRACTION' ? 
p_staggered_tor     ?    ? ? ? 'X-RAY DIFFRACTION' ? 
p_orthonormal_tor   ?    ? ? ? 'X-RAY DIFFRACTION' ? 
p_transverse_tor    ?    ? ? ? 'X-RAY DIFFRACTION' ? 
p_special_tor       ?    ? ? ? 'X-RAY DIFFRACTION' ? 
# 
_struct.entry_id                  1C53 
_struct.title                     
;S-CLASS CYTOCHROMES C HAVE A VARIETY OF FOLDING PATTERNS: STRUCTURE OF CYTOCHROME C-553 FROM DESULFOVIBRIO VULGARIS DETERMINED BY THE MULTI-WAVELENGTH ANOMALOUS DISPERSION METHOD
;
_struct.pdbx_model_details        ? 
_struct.pdbx_CASP_flag            ? 
_struct.pdbx_model_type_details   ? 
# 
_struct_keywords.entry_id        1C53 
_struct_keywords.pdbx_keywords   'ELECTRON TRANSPORT' 
_struct_keywords.text            'ELECTRON TRANSPORT' 
# 
loop_
_struct_asym.id 
_struct_asym.pdbx_blank_PDB_chainid_flag 
_struct_asym.pdbx_modified 
_struct_asym.entity_id 
_struct_asym.details 
A N N 1 ? 
B N N 2 ? 
# 
_struct_ref.id                         1 
_struct_ref.db_name                    UNP 
_struct_ref.db_code                    CY553_DESVM 
_struct_ref.entity_id                  1 
_struct_ref.pdbx_db_accession          P00120 
_struct_ref.pdbx_align_begin           1 
_struct_ref.pdbx_seq_one_letter_code   
;MKRILVVMSICAALAFGVSAAMAADGAALYKSCVGCHGADGSKQAMGVGHAVKGQKADELFKKLKGYADGSYGGEKKAVM
TNLVKRYSDEEMKAMADYMSKL
;
_struct_ref.pdbx_db_isoform            ? 
# 
_struct_ref_seq.align_id                      1 
_struct_ref_seq.ref_id                        1 
_struct_ref_seq.pdbx_PDB_id_code              1C53 
_struct_ref_seq.pdbx_strand_id                A 
_struct_ref_seq.seq_align_beg                 1 
_struct_ref_seq.pdbx_seq_align_beg_ins_code   ? 
_struct_ref_seq.seq_align_end                 79 
_struct_ref_seq.pdbx_seq_align_end_ins_code   ? 
_struct_ref_seq.pdbx_db_accession             P00120 
_struct_ref_seq.db_align_beg                  24 
_struct_ref_seq.pdbx_db_align_beg_ins_code    ? 
_struct_ref_seq.db_align_end                  102 
_struct_ref_seq.pdbx_db_align_end_ins_code    ? 
_struct_ref_seq.pdbx_auth_seq_align_beg       1 
_struct_ref_seq.pdbx_auth_seq_align_end       79 
# 
_pdbx_struct_assembly.id                   1 
_pdbx_struct_assembly.details              author_defined_assembly 
_pdbx_struct_assembly.method_details       ? 
_pdbx_struct_assembly.oligomeric_details   monomeric 
_pdbx_struct_assembly.oligomeric_count     1 
# 
_pdbx_struct_assembly_gen.assembly_id       1 
_pdbx_struct_assembly_gen.oper_expression   1 
_pdbx_struct_assembly_gen.asym_id_list      A,B 
# 
_pdbx_struct_oper_list.id                   1 
_pdbx_struct_oper_list.type                 'identity operation' 
_pdbx_struct_oper_list.name                 1_555 
_pdbx_struct_oper_list.symmetry_operation   x,y,z 
_pdbx_struct_oper_list.matrix[1][1]         1.0000000000 
_pdbx_struct_oper_list.matrix[1][2]         0.0000000000 
_pdbx_struct_oper_list.matrix[1][3]         0.0000000000 
_pdbx_struct_oper_list.vector[1]            0.0000000000 
_pdbx_struct_oper_list.matrix[2][1]         0.0000000000 
_pdbx_struct_oper_list.matrix[2][2]         1.0000000000 
_pdbx_struct_oper_list.matrix[2][3]         0.0000000000 
_pdbx_struct_oper_list.vector[2]            0.0000000000 
_pdbx_struct_oper_list.matrix[3][1]         0.0000000000 
_pdbx_struct_oper_list.matrix[3][2]         0.0000000000 
_pdbx_struct_oper_list.matrix[3][3]         1.0000000000 
_pdbx_struct_oper_list.vector[3]            0.0000000000 
# 
_struct_biol.id   1 
# 
_struct_site.id                   AC1 
_struct_site.pdbx_evidence_code   Software 
_struct_site.pdbx_auth_asym_id    A 
_struct_site.pdbx_auth_comp_id    HEM 
_struct_site.pdbx_auth_seq_id     80 
_struct_site.pdbx_auth_ins_code   ? 
_struct_site.pdbx_num_residues    5 
_struct_site.details              'BINDING SITE FOR RESIDUE HEM A 80' 
# 
loop_
_struct_site_gen.id 
_struct_site_gen.site_id 
_struct_site_gen.pdbx_num_res 
_struct_site_gen.label_comp_id 
_struct_site_gen.label_asym_id 
_struct_site_gen.label_seq_id 
_struct_site_gen.pdbx_auth_ins_code 
_struct_site_gen.auth_comp_id 
_struct_site_gen.auth_asym_id 
_struct_site_gen.auth_seq_id 
_struct_site_gen.label_atom_id 
_struct_site_gen.label_alt_id 
_struct_site_gen.symmetry 
_struct_site_gen.details 
1 AC1 5 CYS A 10 ? CYS A 10 . ? 1_555 ? 
2 AC1 5 GLY A 50 ? GLY A 50 . ? 1_555 ? 
3 AC1 5 GLY A 51 ? GLY A 51 . ? 1_555 ? 
4 AC1 5 LYS A 53 ? LYS A 53 . ? 1_555 ? 
5 AC1 5 LYS A 54 ? LYS A 54 . ? 1_555 ? 
# 
loop_
_chem_comp_atom.comp_id 
_chem_comp_atom.atom_id 
_chem_comp_atom.type_symbol 
_chem_comp_atom.pdbx_aromatic_flag 
_chem_comp_atom.pdbx_stereo_config 
_chem_comp_atom.pdbx_ordinal 
ALA N    N  N N 1   
ALA CA   C  N S 2   
ALA C    C  N N 3   
ALA O    O  N N 4   
ALA CB   C  N N 5   
ALA OXT  O  N N 6   
ALA H    H  N N 7   
ALA H2   H  N N 8   
ALA HA   H  N N 9   
ALA HB1  H  N N 10  
ALA HB2  H  N N 11  
ALA HB3  H  N N 12  
ALA HXT  H  N N 13  
ARG N    N  N N 14  
ARG CA   C  N S 15  
ARG C    C  N N 16  
ARG O    O  N N 17  
ARG CB   C  N N 18  
ARG CG   C  N N 19  
ARG CD   C  N N 20  
ARG NE   N  N N 21  
ARG CZ   C  N N 22  
ARG NH1  N  N N 23  
ARG NH2  N  N N 24  
ARG OXT  O  N N 25  
ARG H    H  N N 26  
ARG H2   H  N N 27  
ARG HA   H  N N 28  
ARG HB2  H  N N 29  
ARG HB3  H  N N 30  
ARG HG2  H  N N 31  
ARG HG3  H  N N 32  
ARG HD2  H  N N 33  
ARG HD3  H  N N 34  
ARG HE   H  N N 35  
ARG HH11 H  N N 36  
ARG HH12 H  N N 37  
ARG HH21 H  N N 38  
ARG HH22 H  N N 39  
ARG HXT  H  N N 40  
ASN N    N  N N 41  
ASN CA   C  N S 42  
ASN C    C  N N 43  
ASN O    O  N N 44  
ASN CB   C  N N 45  
ASN CG   C  N N 46  
ASN OD1  O  N N 47  
ASN ND2  N  N N 48  
ASN OXT  O  N N 49  
ASN H    H  N N 50  
ASN H2   H  N N 51  
ASN HA   H  N N 52  
ASN HB2  H  N N 53  
ASN HB3  H  N N 54  
ASN HD21 H  N N 55  
ASN HD22 H  N N 56  
ASN HXT  H  N N 57  
ASP N    N  N N 58  
ASP CA   C  N S 59  
ASP C    C  N N 60  
ASP O    O  N N 61  
ASP CB   C  N N 62  
ASP CG   C  N N 63  
ASP OD1  O  N N 64  
ASP OD2  O  N N 65  
ASP OXT  O  N N 66  
ASP H    H  N N 67  
ASP H2   H  N N 68  
ASP HA   H  N N 69  
ASP HB2  H  N N 70  
ASP HB3  H  N N 71  
ASP HD2  H  N N 72  
ASP HXT  H  N N 73  
CYS N    N  N N 74  
CYS CA   C  N R 75  
CYS C    C  N N 76  
CYS O    O  N N 77  
CYS CB   C  N N 78  
CYS SG   S  N N 79  
CYS OXT  O  N N 80  
CYS H    H  N N 81  
CYS H2   H  N N 82  
CYS HA   H  N N 83  
CYS HB2  H  N N 84  
CYS HB3  H  N N 85  
CYS HG   H  N N 86  
CYS HXT  H  N N 87  
GLN N    N  N N 88  
GLN CA   C  N S 89  
GLN C    C  N N 90  
GLN O    O  N N 91  
GLN CB   C  N N 92  
GLN CG   C  N N 93  
GLN CD   C  N N 94  
GLN OE1  O  N N 95  
GLN NE2  N  N N 96  
GLN OXT  O  N N 97  
GLN H    H  N N 98  
GLN H2   H  N N 99  
GLN HA   H  N N 100 
GLN HB2  H  N N 101 
GLN HB3  H  N N 102 
GLN HG2  H  N N 103 
GLN HG3  H  N N 104 
GLN HE21 H  N N 105 
GLN HE22 H  N N 106 
GLN HXT  H  N N 107 
GLU N    N  N N 108 
GLU CA   C  N S 109 
GLU C    C  N N 110 
GLU O    O  N N 111 
GLU CB   C  N N 112 
GLU CG   C  N N 113 
GLU CD   C  N N 114 
GLU OE1  O  N N 115 
GLU OE2  O  N N 116 
GLU OXT  O  N N 117 
GLU H    H  N N 118 
GLU H2   H  N N 119 
GLU HA   H  N N 120 
GLU HB2  H  N N 121 
GLU HB3  H  N N 122 
GLU HG2  H  N N 123 
GLU HG3  H  N N 124 
GLU HE2  H  N N 125 
GLU HXT  H  N N 126 
GLY N    N  N N 127 
GLY CA   C  N N 128 
GLY C    C  N N 129 
GLY O    O  N N 130 
GLY OXT  O  N N 131 
GLY H    H  N N 132 
GLY H2   H  N N 133 
GLY HA2  H  N N 134 
GLY HA3  H  N N 135 
GLY HXT  H  N N 136 
HEM CHA  C  N N 137 
HEM CHB  C  N N 138 
HEM CHC  C  N N 139 
HEM CHD  C  N N 140 
HEM C1A  C  Y N 141 
HEM C2A  C  Y N 142 
HEM C3A  C  Y N 143 
HEM C4A  C  Y N 144 
HEM CMA  C  N N 145 
HEM CAA  C  N N 146 
HEM CBA  C  N N 147 
HEM CGA  C  N N 148 
HEM O1A  O  N N 149 
HEM O2A  O  N N 150 
HEM C1B  C  N N 151 
HEM C2B  C  N N 152 
HEM C3B  C  N N 153 
HEM C4B  C  N N 154 
HEM CMB  C  N N 155 
HEM CAB  C  N N 156 
HEM CBB  C  N N 157 
HEM C1C  C  Y N 158 
HEM C2C  C  Y N 159 
HEM C3C  C  Y N 160 
HEM C4C  C  Y N 161 
HEM CMC  C  N N 162 
HEM CAC  C  N N 163 
HEM CBC  C  N N 164 
HEM C1D  C  N N 165 
HEM C2D  C  N N 166 
HEM C3D  C  N N 167 
HEM C4D  C  N N 168 
HEM CMD  C  N N 169 
HEM CAD  C  N N 170 
HEM CBD  C  N N 171 
HEM CGD  C  N N 172 
HEM O1D  O  N N 173 
HEM O2D  O  N N 174 
HEM NA   N  Y N 175 
HEM NB   N  N N 176 
HEM NC   N  Y N 177 
HEM ND   N  N N 178 
HEM FE   FE N N 179 
HEM HHB  H  N N 180 
HEM HHC  H  N N 181 
HEM HHD  H  N N 182 
HEM HMA  H  N N 183 
HEM HMAA H  N N 184 
HEM HMAB H  N N 185 
HEM HAA  H  N N 186 
HEM HAAA H  N N 187 
HEM HBA  H  N N 188 
HEM HBAA H  N N 189 
HEM HMB  H  N N 190 
HEM HMBA H  N N 191 
HEM HMBB H  N N 192 
HEM HAB  H  N N 193 
HEM HBB  H  N N 194 
HEM HBBA H  N N 195 
HEM HMC  H  N N 196 
HEM HMCA H  N N 197 
HEM HMCB H  N N 198 
HEM HAC  H  N N 199 
HEM HBC  H  N N 200 
HEM HBCA H  N N 201 
HEM HMD  H  N N 202 
HEM HMDA H  N N 203 
HEM HMDB H  N N 204 
HEM HAD  H  N N 205 
HEM HADA H  N N 206 
HEM HBD  H  N N 207 
HEM HBDA H  N N 208 
HEM H2A  H  N N 209 
HEM H2D  H  N N 210 
HEM HHA  H  N N 211 
HIS N    N  N N 212 
HIS CA   C  N S 213 
HIS C    C  N N 214 
HIS O    O  N N 215 
HIS CB   C  N N 216 
HIS CG   C  Y N 217 
HIS ND1  N  Y N 218 
HIS CD2  C  Y N 219 
HIS CE1  C  Y N 220 
HIS NE2  N  Y N 221 
HIS OXT  O  N N 222 
HIS H    H  N N 223 
HIS H2   H  N N 224 
HIS HA   H  N N 225 
HIS HB2  H  N N 226 
HIS HB3  H  N N 227 
HIS HD1  H  N N 228 
HIS HD2  H  N N 229 
HIS HE1  H  N N 230 
HIS HE2  H  N N 231 
HIS HXT  H  N N 232 
LEU N    N  N N 233 
LEU CA   C  N S 234 
LEU C    C  N N 235 
LEU O    O  N N 236 
LEU CB   C  N N 237 
LEU CG   C  N N 238 
LEU CD1  C  N N 239 
LEU CD2  C  N N 240 
LEU OXT  O  N N 241 
LEU H    H  N N 242 
LEU H2   H  N N 243 
LEU HA   H  N N 244 
LEU HB2  H  N N 245 
LEU HB3  H  N N 246 
LEU HG   H  N N 247 
LEU HD11 H  N N 248 
LEU HD12 H  N N 249 
LEU HD13 H  N N 250 
LEU HD21 H  N N 251 
LEU HD22 H  N N 252 
LEU HD23 H  N N 253 
LEU HXT  H  N N 254 
LYS N    N  N N 255 
LYS CA   C  N S 256 
LYS C    C  N N 257 
LYS O    O  N N 258 
LYS CB   C  N N 259 
LYS CG   C  N N 260 
LYS CD   C  N N 261 
LYS CE   C  N N 262 
LYS NZ   N  N N 263 
LYS OXT  O  N N 264 
LYS H    H  N N 265 
LYS H2   H  N N 266 
LYS HA   H  N N 267 
LYS HB2  H  N N 268 
LYS HB3  H  N N 269 
LYS HG2  H  N N 270 
LYS HG3  H  N N 271 
LYS HD2  H  N N 272 
LYS HD3  H  N N 273 
LYS HE2  H  N N 274 
LYS HE3  H  N N 275 
LYS HZ1  H  N N 276 
LYS HZ2  H  N N 277 
LYS HZ3  H  N N 278 
LYS HXT  H  N N 279 
MET N    N  N N 280 
MET CA   C  N S 281 
MET C    C  N N 282 
MET O    O  N N 283 
MET CB   C  N N 284 
MET CG   C  N N 285 
MET SD   S  N N 286 
MET CE   C  N N 287 
MET OXT  O  N N 288 
MET H    H  N N 289 
MET H2   H  N N 290 
MET HA   H  N N 291 
MET HB2  H  N N 292 
MET HB3  H  N N 293 
MET HG2  H  N N 294 
MET HG3  H  N N 295 
MET HE1  H  N N 296 
MET HE2  H  N N 297 
MET HE3  H  N N 298 
MET HXT  H  N N 299 
PHE N    N  N N 300 
PHE CA   C  N S 301 
PHE C    C  N N 302 
PHE O    O  N N 303 
PHE CB   C  N N 304 
PHE CG   C  Y N 305 
PHE CD1  C  Y N 306 
PHE CD2  C  Y N 307 
PHE CE1  C  Y N 308 
PHE CE2  C  Y N 309 
PHE CZ   C  Y N 310 
PHE OXT  O  N N 311 
PHE H    H  N N 312 
PHE H2   H  N N 313 
PHE HA   H  N N 314 
PHE HB2  H  N N 315 
PHE HB3  H  N N 316 
PHE HD1  H  N N 317 
PHE HD2  H  N N 318 
PHE HE1  H  N N 319 
PHE HE2  H  N N 320 
PHE HZ   H  N N 321 
PHE HXT  H  N N 322 
SER N    N  N N 323 
SER CA   C  N S 324 
SER C    C  N N 325 
SER O    O  N N 326 
SER CB   C  N N 327 
SER OG   O  N N 328 
SER OXT  O  N N 329 
SER H    H  N N 330 
SER H2   H  N N 331 
SER HA   H  N N 332 
SER HB2  H  N N 333 
SER HB3  H  N N 334 
SER HG   H  N N 335 
SER HXT  H  N N 336 
THR N    N  N N 337 
THR CA   C  N S 338 
THR C    C  N N 339 
THR O    O  N N 340 
THR CB   C  N R 341 
THR OG1  O  N N 342 
THR CG2  C  N N 343 
THR OXT  O  N N 344 
THR H    H  N N 345 
THR H2   H  N N 346 
THR HA   H  N N 347 
THR HB   H  N N 348 
THR HG1  H  N N 349 
THR HG21 H  N N 350 
THR HG22 H  N N 351 
THR HG23 H  N N 352 
THR HXT  H  N N 353 
TYR N    N  N N 354 
TYR CA   C  N S 355 
TYR C    C  N N 356 
TYR O    O  N N 357 
TYR CB   C  N N 358 
TYR CG   C  Y N 359 
TYR CD1  C  Y N 360 
TYR CD2  C  Y N 361 
TYR CE1  C  Y N 362 
TYR CE2  C  Y N 363 
TYR CZ   C  Y N 364 
TYR OH   O  N N 365 
TYR OXT  O  N N 366 
TYR H    H  N N 367 
TYR H2   H  N N 368 
TYR HA   H  N N 369 
TYR HB2  H  N N 370 
TYR HB3  H  N N 371 
TYR HD1  H  N N 372 
TYR HD2  H  N N 373 
TYR HE1  H  N N 374 
TYR HE2  H  N N 375 
TYR HH   H  N N 376 
TYR HXT  H  N N 377 
VAL N    N  N N 378 
VAL CA   C  N S 379 
VAL C    C  N N 380 
VAL O    O  N N 381 
VAL CB   C  N N 382 
VAL CG1  C  N N 383 
VAL CG2  C  N N 384 
VAL OXT  O  N N 385 
VAL H    H  N N 386 
VAL H2   H  N N 387 
VAL HA   H  N N 388 
VAL HB   H  N N 389 
VAL HG11 H  N N 390 
VAL HG12 H  N N 391 
VAL HG13 H  N N 392 
VAL HG21 H  N N 393 
VAL HG22 H  N N 394 
VAL HG23 H  N N 395 
VAL HXT  H  N N 396 
# 
loop_
_chem_comp_bond.comp_id 
_chem_comp_bond.atom_id_1 
_chem_comp_bond.atom_id_2 
_chem_comp_bond.value_order 
_chem_comp_bond.pdbx_aromatic_flag 
_chem_comp_bond.pdbx_stereo_config 
_chem_comp_bond.pdbx_ordinal 
ALA N   CA   sing N N 1   
ALA N   H    sing N N 2   
ALA N   H2   sing N N 3   
ALA CA  C    sing N N 4   
ALA CA  CB   sing N N 5   
ALA CA  HA   sing N N 6   
ALA C   O    doub N N 7   
ALA C   OXT  sing N N 8   
ALA CB  HB1  sing N N 9   
ALA CB  HB2  sing N N 10  
ALA CB  HB3  sing N N 11  
ALA OXT HXT  sing N N 12  
ARG N   CA   sing N N 13  
ARG N   H    sing N N 14  
ARG N   H2   sing N N 15  
ARG CA  C    sing N N 16  
ARG CA  CB   sing N N 17  
ARG CA  HA   sing N N 18  
ARG C   O    doub N N 19  
ARG C   OXT  sing N N 20  
ARG CB  CG   sing N N 21  
ARG CB  HB2  sing N N 22  
ARG CB  HB3  sing N N 23  
ARG CG  CD   sing N N 24  
ARG CG  HG2  sing N N 25  
ARG CG  HG3  sing N N 26  
ARG CD  NE   sing N N 27  
ARG CD  HD2  sing N N 28  
ARG CD  HD3  sing N N 29  
ARG NE  CZ   sing N N 30  
ARG NE  HE   sing N N 31  
ARG CZ  NH1  sing N N 32  
ARG CZ  NH2  doub N N 33  
ARG NH1 HH11 sing N N 34  
ARG NH1 HH12 sing N N 35  
ARG NH2 HH21 sing N N 36  
ARG NH2 HH22 sing N N 37  
ARG OXT HXT  sing N N 38  
ASN N   CA   sing N N 39  
ASN N   H    sing N N 40  
ASN N   H2   sing N N 41  
ASN CA  C    sing N N 42  
ASN CA  CB   sing N N 43  
ASN CA  HA   sing N N 44  
ASN C   O    doub N N 45  
ASN C   OXT  sing N N 46  
ASN CB  CG   sing N N 47  
ASN CB  HB2  sing N N 48  
ASN CB  HB3  sing N N 49  
ASN CG  OD1  doub N N 50  
ASN CG  ND2  sing N N 51  
ASN ND2 HD21 sing N N 52  
ASN ND2 HD22 sing N N 53  
ASN OXT HXT  sing N N 54  
ASP N   CA   sing N N 55  
ASP N   H    sing N N 56  
ASP N   H2   sing N N 57  
ASP CA  C    sing N N 58  
ASP CA  CB   sing N N 59  
ASP CA  HA   sing N N 60  
ASP C   O    doub N N 61  
ASP C   OXT  sing N N 62  
ASP CB  CG   sing N N 63  
ASP CB  HB2  sing N N 64  
ASP CB  HB3  sing N N 65  
ASP CG  OD1  doub N N 66  
ASP CG  OD2  sing N N 67  
ASP OD2 HD2  sing N N 68  
ASP OXT HXT  sing N N 69  
CYS N   CA   sing N N 70  
CYS N   H    sing N N 71  
CYS N   H2   sing N N 72  
CYS CA  C    sing N N 73  
CYS CA  CB   sing N N 74  
CYS CA  HA   sing N N 75  
CYS C   O    doub N N 76  
CYS C   OXT  sing N N 77  
CYS CB  SG   sing N N 78  
CYS CB  HB2  sing N N 79  
CYS CB  HB3  sing N N 80  
CYS SG  HG   sing N N 81  
CYS OXT HXT  sing N N 82  
GLN N   CA   sing N N 83  
GLN N   H    sing N N 84  
GLN N   H2   sing N N 85  
GLN CA  C    sing N N 86  
GLN CA  CB   sing N N 87  
GLN CA  HA   sing N N 88  
GLN C   O    doub N N 89  
GLN C   OXT  sing N N 90  
GLN CB  CG   sing N N 91  
GLN CB  HB2  sing N N 92  
GLN CB  HB3  sing N N 93  
GLN CG  CD   sing N N 94  
GLN CG  HG2  sing N N 95  
GLN CG  HG3  sing N N 96  
GLN CD  OE1  doub N N 97  
GLN CD  NE2  sing N N 98  
GLN NE2 HE21 sing N N 99  
GLN NE2 HE22 sing N N 100 
GLN OXT HXT  sing N N 101 
GLU N   CA   sing N N 102 
GLU N   H    sing N N 103 
GLU N   H2   sing N N 104 
GLU CA  C    sing N N 105 
GLU CA  CB   sing N N 106 
GLU CA  HA   sing N N 107 
GLU C   O    doub N N 108 
GLU C   OXT  sing N N 109 
GLU CB  CG   sing N N 110 
GLU CB  HB2  sing N N 111 
GLU CB  HB3  sing N N 112 
GLU CG  CD   sing N N 113 
GLU CG  HG2  sing N N 114 
GLU CG  HG3  sing N N 115 
GLU CD  OE1  doub N N 116 
GLU CD  OE2  sing N N 117 
GLU OE2 HE2  sing N N 118 
GLU OXT HXT  sing N N 119 
GLY N   CA   sing N N 120 
GLY N   H    sing N N 121 
GLY N   H2   sing N N 122 
GLY CA  C    sing N N 123 
GLY CA  HA2  sing N N 124 
GLY CA  HA3  sing N N 125 
GLY C   O    doub N N 126 
GLY C   OXT  sing N N 127 
GLY OXT HXT  sing N N 128 
HEM CHA C1A  sing N N 129 
HEM CHA C4D  doub N N 130 
HEM CHA HHA  sing N N 131 
HEM CHB C4A  sing N N 132 
HEM CHB C1B  doub N N 133 
HEM CHB HHB  sing N N 134 
HEM CHC C4B  sing N N 135 
HEM CHC C1C  doub N N 136 
HEM CHC HHC  sing N N 137 
HEM CHD C4C  doub N N 138 
HEM CHD C1D  sing N N 139 
HEM CHD HHD  sing N N 140 
HEM C1A C2A  doub Y N 141 
HEM C1A NA   sing Y N 142 
HEM C2A C3A  sing Y N 143 
HEM C2A CAA  sing N N 144 
HEM C3A C4A  doub Y N 145 
HEM C3A CMA  sing N N 146 
HEM C4A NA   sing Y N 147 
HEM CMA HMA  sing N N 148 
HEM CMA HMAA sing N N 149 
HEM CMA HMAB sing N N 150 
HEM CAA CBA  sing N N 151 
HEM CAA HAA  sing N N 152 
HEM CAA HAAA sing N N 153 
HEM CBA CGA  sing N N 154 
HEM CBA HBA  sing N N 155 
HEM CBA HBAA sing N N 156 
HEM CGA O1A  doub N N 157 
HEM CGA O2A  sing N N 158 
HEM C1B C2B  sing N N 159 
HEM C1B NB   sing N N 160 
HEM C2B C3B  doub N N 161 
HEM C2B CMB  sing N N 162 
HEM C3B C4B  sing N N 163 
HEM C3B CAB  sing N N 164 
HEM C4B NB   doub N N 165 
HEM CMB HMB  sing N N 166 
HEM CMB HMBA sing N N 167 
HEM CMB HMBB sing N N 168 
HEM CAB CBB  doub N N 169 
HEM CAB HAB  sing N N 170 
HEM CBB HBB  sing N N 171 
HEM CBB HBBA sing N N 172 
HEM C1C C2C  sing Y N 173 
HEM C1C NC   sing Y N 174 
HEM C2C C3C  doub Y N 175 
HEM C2C CMC  sing N N 176 
HEM C3C C4C  sing Y N 177 
HEM C3C CAC  sing N N 178 
HEM C4C NC   sing Y N 179 
HEM CMC HMC  sing N N 180 
HEM CMC HMCA sing N N 181 
HEM CMC HMCB sing N N 182 
HEM CAC CBC  doub N N 183 
HEM CAC HAC  sing N N 184 
HEM CBC HBC  sing N N 185 
HEM CBC HBCA sing N N 186 
HEM C1D C2D  sing N N 187 
HEM C1D ND   doub N N 188 
HEM C2D C3D  doub N N 189 
HEM C2D CMD  sing N N 190 
HEM C3D C4D  sing N N 191 
HEM C3D CAD  sing N N 192 
HEM C4D ND   sing N N 193 
HEM CMD HMD  sing N N 194 
HEM CMD HMDA sing N N 195 
HEM CMD HMDB sing N N 196 
HEM CAD CBD  sing N N 197 
HEM CAD HAD  sing N N 198 
HEM CAD HADA sing N N 199 
HEM CBD CGD  sing N N 200 
HEM CBD HBD  sing N N 201 
HEM CBD HBDA sing N N 202 
HEM CGD O1D  doub N N 203 
HEM CGD O2D  sing N N 204 
HEM O2A H2A  sing N N 205 
HEM O2D H2D  sing N N 206 
HEM FE  NA   sing N N 207 
HEM FE  NB   sing N N 208 
HEM FE  NC   sing N N 209 
HEM FE  ND   sing N N 210 
HIS N   CA   sing N N 211 
HIS N   H    sing N N 212 
HIS N   H2   sing N N 213 
HIS CA  C    sing N N 214 
HIS CA  CB   sing N N 215 
HIS CA  HA   sing N N 216 
HIS C   O    doub N N 217 
HIS C   OXT  sing N N 218 
HIS CB  CG   sing N N 219 
HIS CB  HB2  sing N N 220 
HIS CB  HB3  sing N N 221 
HIS CG  ND1  sing Y N 222 
HIS CG  CD2  doub Y N 223 
HIS ND1 CE1  doub Y N 224 
HIS ND1 HD1  sing N N 225 
HIS CD2 NE2  sing Y N 226 
HIS CD2 HD2  sing N N 227 
HIS CE1 NE2  sing Y N 228 
HIS CE1 HE1  sing N N 229 
HIS NE2 HE2  sing N N 230 
HIS OXT HXT  sing N N 231 
LEU N   CA   sing N N 232 
LEU N   H    sing N N 233 
LEU N   H2   sing N N 234 
LEU CA  C    sing N N 235 
LEU CA  CB   sing N N 236 
LEU CA  HA   sing N N 237 
LEU C   O    doub N N 238 
LEU C   OXT  sing N N 239 
LEU CB  CG   sing N N 240 
LEU CB  HB2  sing N N 241 
LEU CB  HB3  sing N N 242 
LEU CG  CD1  sing N N 243 
LEU CG  CD2  sing N N 244 
LEU CG  HG   sing N N 245 
LEU CD1 HD11 sing N N 246 
LEU CD1 HD12 sing N N 247 
LEU CD1 HD13 sing N N 248 
LEU CD2 HD21 sing N N 249 
LEU CD2 HD22 sing N N 250 
LEU CD2 HD23 sing N N 251 
LEU OXT HXT  sing N N 252 
LYS N   CA   sing N N 253 
LYS N   H    sing N N 254 
LYS N   H2   sing N N 255 
LYS CA  C    sing N N 256 
LYS CA  CB   sing N N 257 
LYS CA  HA   sing N N 258 
LYS C   O    doub N N 259 
LYS C   OXT  sing N N 260 
LYS CB  CG   sing N N 261 
LYS CB  HB2  sing N N 262 
LYS CB  HB3  sing N N 263 
LYS CG  CD   sing N N 264 
LYS CG  HG2  sing N N 265 
LYS CG  HG3  sing N N 266 
LYS CD  CE   sing N N 267 
LYS CD  HD2  sing N N 268 
LYS CD  HD3  sing N N 269 
LYS CE  NZ   sing N N 270 
LYS CE  HE2  sing N N 271 
LYS CE  HE3  sing N N 272 
LYS NZ  HZ1  sing N N 273 
LYS NZ  HZ2  sing N N 274 
LYS NZ  HZ3  sing N N 275 
LYS OXT HXT  sing N N 276 
MET N   CA   sing N N 277 
MET N   H    sing N N 278 
MET N   H2   sing N N 279 
MET CA  C    sing N N 280 
MET CA  CB   sing N N 281 
MET CA  HA   sing N N 282 
MET C   O    doub N N 283 
MET C   OXT  sing N N 284 
MET CB  CG   sing N N 285 
MET CB  HB2  sing N N 286 
MET CB  HB3  sing N N 287 
MET CG  SD   sing N N 288 
MET CG  HG2  sing N N 289 
MET CG  HG3  sing N N 290 
MET SD  CE   sing N N 291 
MET CE  HE1  sing N N 292 
MET CE  HE2  sing N N 293 
MET CE  HE3  sing N N 294 
MET OXT HXT  sing N N 295 
PHE N   CA   sing N N 296 
PHE N   H    sing N N 297 
PHE N   H2   sing N N 298 
PHE CA  C    sing N N 299 
PHE CA  CB   sing N N 300 
PHE CA  HA   sing N N 301 
PHE C   O    doub N N 302 
PHE C   OXT  sing N N 303 
PHE CB  CG   sing N N 304 
PHE CB  HB2  sing N N 305 
PHE CB  HB3  sing N N 306 
PHE CG  CD1  doub Y N 307 
PHE CG  CD2  sing Y N 308 
PHE CD1 CE1  sing Y N 309 
PHE CD1 HD1  sing N N 310 
PHE CD2 CE2  doub Y N 311 
PHE CD2 HD2  sing N N 312 
PHE CE1 CZ   doub Y N 313 
PHE CE1 HE1  sing N N 314 
PHE CE2 CZ   sing Y N 315 
PHE CE2 HE2  sing N N 316 
PHE CZ  HZ   sing N N 317 
PHE OXT HXT  sing N N 318 
SER N   CA   sing N N 319 
SER N   H    sing N N 320 
SER N   H2   sing N N 321 
SER CA  C    sing N N 322 
SER CA  CB   sing N N 323 
SER CA  HA   sing N N 324 
SER C   O    doub N N 325 
SER C   OXT  sing N N 326 
SER CB  OG   sing N N 327 
SER CB  HB2  sing N N 328 
SER CB  HB3  sing N N 329 
SER OG  HG   sing N N 330 
SER OXT HXT  sing N N 331 
THR N   CA   sing N N 332 
THR N   H    sing N N 333 
THR N   H2   sing N N 334 
THR CA  C    sing N N 335 
THR CA  CB   sing N N 336 
THR CA  HA   sing N N 337 
THR C   O    doub N N 338 
THR C   OXT  sing N N 339 
THR CB  OG1  sing N N 340 
THR CB  CG2  sing N N 341 
THR CB  HB   sing N N 342 
THR OG1 HG1  sing N N 343 
THR CG2 HG21 sing N N 344 
THR CG2 HG22 sing N N 345 
THR CG2 HG23 sing N N 346 
THR OXT HXT  sing N N 347 
TYR N   CA   sing N N 348 
TYR N   H    sing N N 349 
TYR N   H2   sing N N 350 
TYR CA  C    sing N N 351 
TYR CA  CB   sing N N 352 
TYR CA  HA   sing N N 353 
TYR C   O    doub N N 354 
TYR C   OXT  sing N N 355 
TYR CB  CG   sing N N 356 
TYR CB  HB2  sing N N 357 
TYR CB  HB3  sing N N 358 
TYR CG  CD1  doub Y N 359 
TYR CG  CD2  sing Y N 360 
TYR CD1 CE1  sing Y N 361 
TYR CD1 HD1  sing N N 362 
TYR CD2 CE2  doub Y N 363 
TYR CD2 HD2  sing N N 364 
TYR CE1 CZ   doub Y N 365 
TYR CE1 HE1  sing N N 366 
TYR CE2 CZ   sing Y N 367 
TYR CE2 HE2  sing N N 368 
TYR CZ  OH   sing N N 369 
TYR OH  HH   sing N N 370 
TYR OXT HXT  sing N N 371 
VAL N   CA   sing N N 372 
VAL N   H    sing N N 373 
VAL N   H2   sing N N 374 
VAL CA  C    sing N N 375 
VAL CA  CB   sing N N 376 
VAL CA  HA   sing N N 377 
VAL C   O    doub N N 378 
VAL C   OXT  sing N N 379 
VAL CB  CG1  sing N N 380 
VAL CB  CG2  sing N N 381 
VAL CB  HB   sing N N 382 
VAL CG1 HG11 sing N N 383 
VAL CG1 HG12 sing N N 384 
VAL CG1 HG13 sing N N 385 
VAL CG2 HG21 sing N N 386 
VAL CG2 HG22 sing N N 387 
VAL CG2 HG23 sing N N 388 
VAL OXT HXT  sing N N 389 
# 
_pdbx_coordinate_model.asym_id   A 
_pdbx_coordinate_model.type      'CA ATOMS ONLY' 
# 
_atom_sites.entry_id                    1C53 
_atom_sites.fract_transf_matrix[1][1]   0.00448580 
_atom_sites.fract_transf_matrix[1][2]   0.02216365 
_atom_sites.fract_transf_matrix[1][3]   0.00609098 
_atom_sites.fract_transf_matrix[2][1]   0.02298160 
_atom_sites.fract_transf_matrix[2][2]   -0.00443706 
_atom_sites.fract_transf_matrix[2][3]   -0.00077974 
_atom_sites.fract_transf_matrix[3][1]   0.00017182 
_atom_sites.fract_transf_matrix[3][2]   0.00253000 
_atom_sites.fract_transf_matrix[3][3]   -0.00933262 
_atom_sites.fract_transf_vector[1]      0.444807 
_atom_sites.fract_transf_vector[2]      -0.136740 
_atom_sites.fract_transf_vector[3]      0.195910 
# 
loop_
_atom_type.symbol 
C  
FE 
N  
O  
# 
loop_
_atom_site.group_PDB 
_atom_site.id 
_atom_site.type_symbol 
_atom_site.label_atom_id 
_atom_site.label_alt_id 
_atom_site.label_comp_id 
_atom_site.label_asym_id 
_atom_site.label_entity_id 
_atom_site.label_seq_id 
_atom_site.pdbx_PDB_ins_code 
_atom_site.Cartn_x 
_atom_site.Cartn_y 
_atom_site.Cartn_z 
_atom_site.occupancy 
_atom_site.B_iso_or_equiv 
_atom_site.pdbx_formal_charge 
_atom_site.auth_seq_id 
_atom_site.auth_comp_id 
_atom_site.auth_asym_id 
_atom_site.auth_atom_id 
_atom_site.pdbx_PDB_model_num 
ATOM   1   C  CA  . ALA A 1 1  ? 5.344   -0.563  -13.759 1.00 21.30 ? 1  ALA A CA  1 
ATOM   2   C  CA  . ASP A 1 2  ? 3.271   2.581   -13.567 1.00 12.53 ? 2  ASP A CA  1 
ATOM   3   C  CA  . GLY A 1 3  ? 2.583   3.517   -9.937  1.00 18.42 ? 3  GLY A CA  1 
ATOM   4   C  CA  . ALA A 1 4  ? -0.303  5.798   -10.801 1.00 19.17 ? 4  ALA A CA  1 
ATOM   5   C  CA  . ALA A 1 5  ? -2.140  3.222   -12.911 1.00 17.10 ? 5  ALA A CA  1 
ATOM   6   C  CA  . LEU A 1 6  ? -1.557  0.414   -10.357 1.00 15.26 ? 6  LEU A CA  1 
ATOM   7   C  CA  . TYR A 1 7  ? -2.807  2.590   -7.512  1.00 13.56 ? 7  TYR A CA  1 
ATOM   8   C  CA  . LYS A 1 8  ? -6.228  2.774   -9.139  1.00 17.08 ? 8  LYS A CA  1 
ATOM   9   C  CA  . SER A 1 9  ? -7.054  -0.614  -7.584  1.00 10.41 ? 9  SER A CA  1 
ATOM   10  C  CA  . CYS A 1 10 ? -6.295  0.946   -4.128  1.00 12.82 ? 10 CYS A CA  1 
ATOM   11  C  CA  . VAL A 1 11 ? -8.443  4.061   -4.148  1.00 19.64 ? 11 VAL A CA  1 
ATOM   12  C  CA  . GLY A 1 12 ? -11.634 2.382   -2.810  1.00 22.86 ? 12 GLY A CA  1 
ATOM   13  C  CA  . CYS A 1 13 ? -10.031 1.991   0.645   1.00 22.84 ? 13 CYS A CA  1 
ATOM   14  C  CA  . HIS A 1 14 ? -7.045  4.380   0.723   1.00 11.39 ? 14 HIS A CA  1 
ATOM   15  C  CA  . GLY A 1 15 ? -8.602  7.372   -1.062  1.00 34.01 ? 15 GLY A CA  1 
ATOM   16  C  CA  . ALA A 1 16 ? -7.353  9.290   -4.105  1.00 23.39 ? 16 ALA A CA  1 
ATOM   17  C  CA  . ASP A 1 17 ? -4.967  11.426  -2.088  1.00 23.88 ? 17 ASP A CA  1 
ATOM   18  C  CA  . GLY A 1 18 ? -4.078  8.474   0.156   1.00 23.66 ? 18 GLY A CA  1 
ATOM   19  C  CA  . SER A 1 19 ? -5.351  10.186  3.321   1.00 24.28 ? 19 SER A CA  1 
ATOM   20  C  CA  . LYS A 1 20 ? -7.927  7.578   4.333   1.00 33.12 ? 20 LYS A CA  1 
ATOM   21  C  CA  . GLN A 1 21 ? -7.627  5.322   7.362   1.00 25.81 ? 21 GLN A CA  1 
ATOM   22  C  CA  . ALA A 1 22 ? -8.461  2.081   5.543   1.00 27.56 ? 22 ALA A CA  1 
ATOM   23  C  CA  . MET A 1 23 ? -11.477 0.353   6.961   1.00 21.84 ? 23 MET A CA  1 
ATOM   24  C  CA  . GLY A 1 24 ? -10.984 2.579   10.030  1.00 31.45 ? 24 GLY A CA  1 
ATOM   25  C  CA  . VAL A 1 25 ? -7.744  0.845   11.147  1.00 22.27 ? 25 VAL A CA  1 
ATOM   26  C  CA  . GLY A 1 26 ? -4.119  1.875   11.048  1.00 15.93 ? 26 GLY A CA  1 
ATOM   27  C  CA  . HIS A 1 27 ? -2.201  4.502   9.142   1.00 15.61 ? 27 HIS A CA  1 
ATOM   28  C  CA  . ALA A 1 28 ? -2.940  6.474   5.927   1.00 16.76 ? 28 ALA A CA  1 
ATOM   29  C  CA  . VAL A 1 29 ? -0.360  6.000   3.176   1.00 19.47 ? 29 VAL A CA  1 
ATOM   30  C  CA  . LYS A 1 30 ? -0.081  9.782   2.548   1.00 22.38 ? 30 LYS A CA  1 
ATOM   31  C  CA  . GLY A 1 31 ? 3.074   11.374  3.938   1.00 35.23 ? 31 GLY A CA  1 
ATOM   32  C  CA  . GLN A 1 32 ? 5.140   8.232   4.199   1.00 13.86 ? 32 GLN A CA  1 
ATOM   33  C  CA  . LYS A 1 33 ? 8.442   7.706   2.426   1.00 34.52 ? 33 LYS A CA  1 
ATOM   34  C  CA  . ALA A 1 34 ? 8.707   5.301   -0.518  1.00 28.09 ? 34 ALA A CA  1 
ATOM   35  C  CA  . ASP A 1 35 ? 11.191  3.003   1.279   1.00 38.23 ? 35 ASP A CA  1 
ATOM   36  C  CA  . GLU A 1 36 ? 8.906   2.796   4.284   1.00 26.41 ? 36 GLU A CA  1 
ATOM   37  C  CA  . LEU A 1 37 ? 5.790   2.091   2.172   1.00 20.78 ? 37 LEU A CA  1 
ATOM   38  C  CA  . PHE A 1 38 ? 7.715   -0.537  0.191   1.00 18.45 ? 38 PHE A CA  1 
ATOM   39  C  CA  . LYS A 1 39 ? 8.875   -2.372  3.349   1.00 15.62 ? 39 LYS A CA  1 
ATOM   40  C  CA  . LYS A 1 40 ? 5.252   -2.424  4.540   1.00 13.14 ? 40 LYS A CA  1 
ATOM   41  C  CA  . LEU A 1 41 ? 3.908   -3.946  1.324   1.00 15.01 ? 41 LEU A CA  1 
ATOM   42  C  CA  . LYS A 1 42 ? 6.658   -6.529  1.486   1.00 20.03 ? 42 LYS A CA  1 
ATOM   43  C  CA  . GLY A 1 43 ? 5.703   -7.041  5.188   1.00 19.05 ? 43 GLY A CA  1 
ATOM   44  C  CA  . TYR A 1 44 ? 2.090   -7.820  4.303   1.00 22.89 ? 44 TYR A CA  1 
ATOM   45  C  CA  . ALA A 1 45 ? 3.119   -10.453 1.718   1.00 44.81 ? 45 ALA A CA  1 
ATOM   46  C  CA  . ASP A 1 46 ? 5.674   -12.171 3.939   1.00 42.36 ? 46 ASP A CA  1 
ATOM   47  C  CA  . GLY A 1 47 ? 3.137   -11.855 6.783   1.00 30.91 ? 47 GLY A CA  1 
ATOM   48  C  CA  . SER A 1 48 ? 5.562   -9.862  8.992   1.00 21.36 ? 48 SER A CA  1 
ATOM   49  C  CA  . TYR A 1 49 ? 3.830   -6.422  9.044   1.00 27.09 ? 49 TYR A CA  1 
ATOM   50  C  CA  . GLY A 1 50 ? 0.251   -5.542  10.008  1.00 13.12 ? 50 GLY A CA  1 
ATOM   51  C  CA  . GLY A 1 51 ? -2.587  -4.707  12.429  1.00 16.12 ? 51 GLY A CA  1 
ATOM   52  C  CA  . GLU A 1 52 ? -5.920  -6.338  12.976  1.00 19.22 ? 52 GLU A CA  1 
ATOM   53  C  CA  . LYS A 1 53 ? -7.075  -6.321  9.334   1.00 18.90 ? 53 LYS A CA  1 
ATOM   54  C  CA  . LYS A 1 54 ? -3.690  -7.308  7.921   1.00 20.70 ? 54 LYS A CA  1 
ATOM   55  C  CA  . ALA A 1 55 ? -5.099  -10.308 5.985   1.00 26.44 ? 55 ALA A CA  1 
ATOM   56  C  CA  . VAL A 1 56 ? -7.055  -7.878  3.804   1.00 28.83 ? 56 VAL A CA  1 
ATOM   57  C  CA  . MET A 1 57 ? -3.701  -6.496  2.523   1.00 11.87 ? 57 MET A CA  1 
ATOM   58  C  CA  . THR A 1 58 ? -2.027  -9.872  2.362   1.00 17.41 ? 58 THR A CA  1 
ATOM   59  C  CA  . ASN A 1 59 ? -4.676  -11.212 -0.012  1.00 15.51 ? 59 ASN A CA  1 
ATOM   60  C  CA  . LEU A 1 60 ? -3.897  -8.227  -2.310  1.00 16.81 ? 60 LEU A CA  1 
ATOM   61  C  CA  . VAL A 1 61 ? -0.155  -7.613  -2.307  1.00 20.95 ? 61 VAL A CA  1 
ATOM   62  C  CA  . LYS A 1 62 ? 0.596   -11.225 -3.210  1.00 21.67 ? 62 LYS A CA  1 
ATOM   63  C  CA  . ARG A 1 63 ? -0.913  -10.383 -6.645  1.00 14.65 ? 63 ARG A CA  1 
ATOM   64  C  CA  . TYR A 1 64 ? 1.894   -7.897  -7.360  1.00 18.90 ? 64 TYR A CA  1 
ATOM   65  C  CA  . SER A 1 65 ? 5.566   -8.068  -8.162  1.00 13.11 ? 65 SER A CA  1 
ATOM   66  C  CA  . ASP A 1 66 ? 8.314   -6.384  -6.215  1.00 15.52 ? 66 ASP A CA  1 
ATOM   67  C  CA  . GLU A 1 67 ? 8.803   -3.799  -9.008  1.00 20.16 ? 67 GLU A CA  1 
ATOM   68  C  CA  . GLU A 1 68 ? 5.084   -3.080  -8.993  1.00 13.15 ? 68 GLU A CA  1 
ATOM   69  C  CA  . MET A 1 69 ? 5.137   -2.585  -5.196  1.00 17.42 ? 69 MET A CA  1 
ATOM   70  C  CA  . LYS A 1 70 ? 8.110   -0.256  -5.517  1.00 19.94 ? 70 LYS A CA  1 
ATOM   71  C  CA  . ALA A 1 71 ? 6.255   1.751   -8.163  1.00 14.74 ? 71 ALA A CA  1 
ATOM   72  C  CA  . MET A 1 72 ? 3.103   1.999   -6.009  1.00 15.21 ? 72 MET A CA  1 
ATOM   73  C  CA  . ALA A 1 73 ? 5.364   3.008   -3.037  1.00 16.60 ? 73 ALA A CA  1 
ATOM   74  C  CA  . ASP A 1 74 ? 6.946   5.670   -5.211  1.00 20.55 ? 74 ASP A CA  1 
ATOM   75  C  CA  . TYR A 1 75 ? 3.506   7.031   -6.219  1.00 16.43 ? 75 TYR A CA  1 
ATOM   76  C  CA  . MET A 1 76 ? 2.000   6.947   -2.682  1.00 23.37 ? 76 MET A CA  1 
ATOM   77  C  CA  . SER A 1 77 ? 5.014   8.795   -1.356  1.00 14.70 ? 77 SER A CA  1 
ATOM   78  C  CA  . LYS A 1 78 ? 4.189   11.678  -3.698  1.00 26.05 ? 78 LYS A CA  1 
ATOM   79  C  CA  . LEU A 1 79 ? 0.499   11.927  -2.824  1.00 17.69 ? 79 LEU A CA  1 
HETATM 80  C  CHA . HEM B 2 .  ? -2.915  -0.944  4.826   1.00 13.85 ? 80 HEM A CHA 1 
HETATM 81  C  CHB . HEM B 2 .  ? -1.332  0.054   0.348   1.00 10.68 ? 80 HEM A CHB 1 
HETATM 82  C  CHC . HEM B 2 .  ? -5.414  -1.809  -1.339  1.00 11.52 ? 80 HEM A CHC 1 
HETATM 83  C  CHD . HEM B 2 .  ? -7.301  -1.881  3.108   1.00 24.40 ? 80 HEM A CHD 1 
HETATM 84  C  C1A . HEM B 2 .  ? -2.092  -0.527  3.795   1.00 24.53 ? 80 HEM A C1A 1 
HETATM 85  C  C2A . HEM B 2 .  ? -0.770  -0.039  3.893   1.00 21.67 ? 80 HEM A C2A 1 
HETATM 86  C  C3A . HEM B 2 .  ? -0.326  0.240   2.647   1.00 17.75 ? 80 HEM A C3A 1 
HETATM 87  C  C4A . HEM B 2 .  ? -1.385  -0.072  1.736   1.00 34.42 ? 80 HEM A C4A 1 
HETATM 88  C  CMA . HEM B 2 .  ? 1.051   0.794   2.244   1.00 15.28 ? 80 HEM A CMA 1 
HETATM 89  C  CAA . HEM B 2 .  ? 0.029   0.195   5.213   1.00 13.90 ? 80 HEM A CAA 1 
HETATM 90  C  CBA . HEM B 2 .  ? -0.055  1.586   5.821   1.00 13.40 ? 80 HEM A CBA 1 
HETATM 91  C  CGA . HEM B 2 .  ? 0.761   1.688   7.133   1.00 14.59 ? 80 HEM A CGA 1 
HETATM 92  O  O1A . HEM B 2 .  ? 1.620   2.553   7.245   1.00 19.69 ? 80 HEM A O1A 1 
HETATM 93  O  O2A . HEM B 2 .  ? 0.433   0.734   7.908   1.00 19.97 ? 80 HEM A O2A 1 
HETATM 94  C  C1B . HEM B 2 .  ? -2.280  -0.467  -0.482  1.00 10.45 ? 80 HEM A C1B 1 
HETATM 95  C  C2B . HEM B 2 .  ? -2.148  -0.519  -2.009  1.00 7.57  ? 80 HEM A C2B 1 
HETATM 96  C  C3B . HEM B 2 .  ? -3.271  -1.083  -2.442  1.00 11.33 ? 80 HEM A C3B 1 
HETATM 97  C  C4B . HEM B 2 .  ? -4.151  -1.335  -1.301  1.00 14.76 ? 80 HEM A C4B 1 
HETATM 98  C  CMB . HEM B 2 .  ? -0.848  -0.021  -2.635  1.00 8.28  ? 80 HEM A CMB 1 
HETATM 99  C  CAB . HEM B 2 .  ? -3.637  -1.363  -3.970  1.00 11.94 ? 80 HEM A CAB 1 
HETATM 100 C  CBB . HEM B 2 .  ? -2.818  -2.343  -4.522  1.00 9.15  ? 80 HEM A CBB 1 
HETATM 101 C  C1C . HEM B 2 .  ? -6.312  -1.868  -0.306  1.00 19.32 ? 80 HEM A C1C 1 
HETATM 102 C  C2C . HEM B 2 .  ? -7.697  -2.136  -0.444  1.00 23.62 ? 80 HEM A C2C 1 
HETATM 103 C  C3C . HEM B 2 .  ? -8.225  -2.197  0.785   1.00 24.28 ? 80 HEM A C3C 1 
HETATM 104 C  C4C . HEM B 2 .  ? -7.168  -1.940  1.730   1.00 23.11 ? 80 HEM A C4C 1 
HETATM 105 C  CMC . HEM B 2 .  ? -8.402  -2.370  -1.815  1.00 13.86 ? 80 HEM A CMC 1 
HETATM 106 C  CAC . HEM B 2 .  ? -9.726  -2.345  1.154   1.00 15.78 ? 80 HEM A CAC 1 
HETATM 107 C  CBC . HEM B 2 .  ? -10.334 -3.546  1.024   1.00 25.30 ? 80 HEM A CBC 1 
HETATM 108 C  C1D . HEM B 2 .  ? -6.242  -1.756  3.967   1.00 12.06 ? 80 HEM A C1D 1 
HETATM 109 C  C2D . HEM B 2 .  ? -6.265  -2.038  5.451   1.00 14.02 ? 80 HEM A C2D 1 
HETATM 110 C  C3D . HEM B 2 .  ? -5.075  -1.739  5.897   1.00 22.18 ? 80 HEM A C3D 1 
HETATM 111 C  C4D . HEM B 2 .  ? -4.215  -1.322  4.796   1.00 16.22 ? 80 HEM A C4D 1 
HETATM 112 C  CMD . HEM B 2 .  ? -7.596  -2.503  6.100   1.00 10.24 ? 80 HEM A CMD 1 
HETATM 113 C  CAD . HEM B 2 .  ? -4.530  -1.966  7.360   1.00 13.49 ? 80 HEM A CAD 1 
HETATM 114 C  CBD . HEM B 2 .  ? -4.324  -3.500  7.507   1.00 8.67  ? 80 HEM A CBD 1 
HETATM 115 C  CGD . HEM B 2 .  ? -3.708  -3.786  8.888   1.00 19.61 ? 80 HEM A CGD 1 
HETATM 116 O  O1D . HEM B 2 .  ? -4.507  -4.079  9.803   1.00 22.36 ? 80 HEM A O1D 1 
HETATM 117 O  O2D . HEM B 2 .  ? -2.489  -3.675  8.943   1.00 19.29 ? 80 HEM A O2D 1 
HETATM 118 N  NA  . HEM B 2 .  ? -2.499  -0.544  2.425   1.00 14.45 ? 80 HEM A NA  1 
HETATM 119 N  NB  . HEM B 2 .  ? -3.491  -0.926  -0.201  1.00 10.43 ? 80 HEM A NB  1 
HETATM 120 N  NC  . HEM B 2 .  ? -5.961  -1.720  1.076   1.00 18.00 ? 80 HEM A NC  1 
HETATM 121 N  ND  . HEM B 2 .  ? -4.990  -1.314  3.679   1.00 12.94 ? 80 HEM A ND  1 
HETATM 122 FE FE  . HEM B 2 .  ? -4.204  -1.186  1.766   1.00 14.99 ? 80 HEM A FE  1 
# 
